data_3F6N
#
_entry.id   3F6N
#
_cell.length_a   104.943
_cell.length_b   104.943
_cell.length_c   72.527
_cell.angle_alpha   90.000
_cell.angle_beta   90.000
_cell.angle_gamma   120.000
#
_symmetry.space_group_name_H-M   'P 64'
#
loop_
_entity.id
_entity.type
_entity.pdbx_description
1 polymer 'Virion-associated protein'
2 water water
#
_entity_poly.entity_id   1
_entity_poly.type   'polypeptide(L)'
_entity_poly.pdbx_seq_one_letter_code
;MANLNQIQKEVSEILSDQKSMKADIKAILELLGSQNPIKESLETVAAKIVNDLTKLINDCPCNKEILEALGTQPKEQLIE
QPKEKGKGLNLGKYSYPNYGVGNEELGSSGNPKALTWPFKAPAGWPNQF
;
_entity_poly.pdbx_strand_id   A,B,C,D
#
# COMPACT_ATOMS: atom_id res chain seq x y z
N ASN A 3 19.85 11.41 46.52
CA ASN A 3 19.78 9.91 46.48
C ASN A 3 18.32 9.45 46.43
N LEU A 4 17.60 9.56 47.53
CA LEU A 4 16.15 9.27 47.51
C LEU A 4 15.37 10.33 46.69
N ASN A 5 15.76 11.60 46.83
CA ASN A 5 15.25 12.68 45.97
C ASN A 5 15.60 12.45 44.51
N GLN A 6 16.80 11.90 44.30
CA GLN A 6 17.31 11.55 42.98
C GLN A 6 16.43 10.46 42.38
N ILE A 7 16.19 9.40 43.14
CA ILE A 7 15.27 8.32 42.75
C ILE A 7 13.88 8.87 42.42
N GLN A 8 13.30 9.60 43.38
CA GLN A 8 12.02 10.23 43.17
C GLN A 8 12.01 10.98 41.85
N LYS A 9 12.88 11.98 41.69
CA LYS A 9 12.95 12.75 40.44
C LYS A 9 12.94 11.86 39.22
N GLU A 10 13.80 10.85 39.21
CA GLU A 10 13.94 10.02 38.02
C GLU A 10 12.71 9.15 37.81
N VAL A 11 12.06 8.73 38.89
CA VAL A 11 10.84 7.93 38.79
C VAL A 11 9.67 8.75 38.19
N SER A 12 9.57 10.02 38.56
CA SER A 12 8.59 10.92 37.99
C SER A 12 8.80 11.09 36.49
N GLU A 13 10.03 11.39 36.11
CA GLU A 13 10.35 11.63 34.71
C GLU A 13 9.94 10.42 33.88
N ILE A 14 10.22 9.23 34.41
CA ILE A 14 9.82 7.99 33.78
C ILE A 14 8.31 7.99 33.59
N LEU A 15 7.61 8.28 34.67
CA LEU A 15 6.15 8.23 34.69
C LEU A 15 5.48 9.19 33.69
N SER A 16 5.96 10.42 33.60
CA SER A 16 5.40 11.36 32.61
C SER A 16 5.81 10.97 31.19
N ASP A 17 7.07 10.57 31.02
CA ASP A 17 7.52 10.06 29.73
C ASP A 17 6.66 8.88 29.31
N GLN A 18 6.23 8.09 30.29
CA GLN A 18 5.40 6.92 30.02
C GLN A 18 3.99 7.31 29.57
N LYS A 19 3.51 8.45 30.04
CA LYS A 19 2.21 8.92 29.58
C LYS A 19 2.25 9.27 28.09
N SER A 20 3.24 10.07 27.69
CA SER A 20 3.34 10.52 26.30
C SER A 20 3.59 9.37 25.35
N MET A 21 4.37 8.39 25.80
CA MET A 21 4.63 7.18 25.01
C MET A 21 3.32 6.48 24.73
N LYS A 22 2.49 6.38 25.76
CA LYS A 22 1.20 5.71 25.67
C LYS A 22 0.31 6.47 24.69
N ALA A 23 0.27 7.79 24.84
CA ALA A 23 -0.49 8.66 23.97
C ALA A 23 -0.23 8.33 22.52
N ASP A 24 1.05 8.31 22.15
CA ASP A 24 1.45 8.12 20.76
C ASP A 24 1.19 6.72 20.28
N ILE A 25 1.33 5.75 21.17
CA ILE A 25 1.07 4.37 20.80
C ILE A 25 -0.37 4.23 20.37
N LYS A 26 -1.27 4.79 21.19
CA LYS A 26 -2.70 4.83 20.89
C LYS A 26 -2.89 5.45 19.50
N ALA A 27 -2.41 6.68 19.30
CA ALA A 27 -2.43 7.31 17.97
C ALA A 27 -1.98 6.38 16.84
N ILE A 28 -0.94 5.58 17.08
CA ILE A 28 -0.47 4.64 16.06
C ILE A 28 -1.51 3.54 15.79
N LEU A 29 -1.99 2.90 16.87
CA LEU A 29 -3.04 1.87 16.75
C LEU A 29 -4.31 2.40 16.10
N GLU A 30 -4.65 3.65 16.42
CA GLU A 30 -5.79 4.34 15.83
C GLU A 30 -5.58 4.52 14.33
N LEU A 31 -4.46 5.12 13.96
CA LEU A 31 -4.16 5.43 12.58
C LEU A 31 -4.14 4.18 11.70
N LEU A 32 -3.51 3.12 12.19
CA LEU A 32 -3.40 1.89 11.43
C LEU A 32 -4.74 1.20 11.26
N GLY A 33 -5.52 1.18 12.34
CA GLY A 33 -6.87 0.62 12.31
C GLY A 33 -7.79 1.30 11.32
N SER A 34 -7.66 2.63 11.23
CA SER A 34 -8.45 3.46 10.31
C SER A 34 -8.24 3.15 8.83
N GLN A 35 -7.01 2.87 8.46
CA GLN A 35 -6.65 2.61 7.08
C GLN A 35 -7.42 1.42 6.52
N ASN A 36 -7.84 1.51 5.27
CA ASN A 36 -8.47 0.38 4.63
C ASN A 36 -7.45 -0.60 4.10
N PRO A 37 -7.79 -1.91 4.11
CA PRO A 37 -6.92 -2.96 3.61
C PRO A 37 -6.32 -2.64 2.25
N ILE A 38 -5.02 -2.88 2.09
CA ILE A 38 -4.35 -2.67 0.82
C ILE A 38 -5.08 -3.44 -0.29
N LYS A 39 -5.28 -4.74 -0.07
CA LYS A 39 -5.98 -5.62 -1.02
C LYS A 39 -7.30 -5.03 -1.49
N GLU A 40 -8.08 -4.49 -0.55
CA GLU A 40 -9.38 -3.90 -0.84
C GLU A 40 -9.27 -2.65 -1.72
N SER A 41 -8.39 -1.72 -1.32
CA SER A 41 -8.16 -0.49 -2.09
C SER A 41 -7.76 -0.87 -3.51
N LEU A 42 -6.76 -1.75 -3.60
CA LEU A 42 -6.29 -2.29 -4.85
C LEU A 42 -7.41 -2.87 -5.69
N GLU A 43 -8.10 -3.87 -5.15
CA GLU A 43 -9.19 -4.57 -5.86
C GLU A 43 -10.21 -3.60 -6.46
N THR A 44 -10.53 -2.52 -5.75
CA THR A 44 -11.51 -1.56 -6.25
C THR A 44 -10.93 -0.57 -7.28
N VAL A 45 -9.73 -0.07 -7.05
CA VAL A 45 -9.10 0.82 -8.04
C VAL A 45 -8.80 0.03 -9.32
N ALA A 46 -8.40 -1.25 -9.13
CA ALA A 46 -8.17 -2.16 -10.25
C ALA A 46 -9.44 -2.39 -11.05
N ALA A 47 -10.57 -2.41 -10.34
CA ALA A 47 -11.89 -2.54 -10.97
C ALA A 47 -12.24 -1.30 -11.78
N LYS A 48 -11.89 -0.12 -11.26
CA LYS A 48 -12.15 1.14 -11.94
C LYS A 48 -11.33 1.29 -13.23
N ILE A 49 -10.08 0.81 -13.19
CA ILE A 49 -9.22 0.85 -14.37
C ILE A 49 -9.85 0.02 -15.49
N VAL A 50 -10.12 -1.25 -15.22
CA VAL A 50 -10.71 -2.14 -16.24
C VAL A 50 -12.05 -1.59 -16.71
N ASN A 51 -12.88 -1.19 -15.75
CA ASN A 51 -14.20 -0.65 -16.03
C ASN A 51 -14.12 0.46 -17.07
N ASP A 52 -13.40 1.54 -16.75
CA ASP A 52 -13.28 2.67 -17.68
C ASP A 52 -12.77 2.21 -19.04
N LEU A 53 -11.66 1.47 -19.06
CA LEU A 53 -11.06 1.04 -20.30
C LEU A 53 -12.01 0.15 -21.10
N THR A 54 -12.73 -0.74 -20.42
CA THR A 54 -13.75 -1.56 -21.07
C THR A 54 -14.77 -0.70 -21.84
N LYS A 55 -15.29 0.34 -21.17
CA LYS A 55 -16.19 1.29 -21.82
C LYS A 55 -15.58 1.79 -23.12
N LEU A 56 -14.37 2.34 -23.01
CA LEU A 56 -13.66 2.87 -24.17
C LEU A 56 -13.55 1.84 -25.28
N ILE A 57 -13.10 0.63 -24.93
CA ILE A 57 -12.98 -0.46 -25.89
C ILE A 57 -14.33 -0.73 -26.56
N ASN A 58 -15.34 -1.00 -25.74
CA ASN A 58 -16.68 -1.32 -26.24
C ASN A 58 -17.37 -0.17 -26.95
N ASP A 59 -16.89 1.05 -26.72
CA ASP A 59 -17.36 2.24 -27.44
C ASP A 59 -16.90 2.18 -28.91
N CYS A 60 -15.98 1.27 -29.20
CA CYS A 60 -15.42 1.03 -30.54
C CYS A 60 -15.08 2.30 -31.32
N PRO A 61 -14.05 3.04 -30.88
CA PRO A 61 -13.72 4.32 -31.54
C PRO A 61 -13.20 4.17 -32.97
N CYS A 62 -12.60 3.02 -33.27
CA CYS A 62 -11.89 2.82 -34.53
C CYS A 62 -12.71 2.19 -35.65
N ASN A 63 -14.02 2.08 -35.44
CA ASN A 63 -14.89 1.50 -36.44
C ASN A 63 -15.32 2.49 -37.54
N LYS A 64 -15.43 3.77 -37.18
CA LYS A 64 -15.93 4.81 -38.08
C LYS A 64 -15.11 4.96 -39.37
N GLU A 65 -13.80 4.90 -39.23
CA GLU A 65 -12.89 5.11 -40.34
C GLU A 65 -13.02 3.99 -41.37
N ILE A 66 -12.97 2.75 -40.89
CA ILE A 66 -13.14 1.54 -41.69
C ILE A 66 -14.47 1.55 -42.45
N LEU A 67 -15.55 1.79 -41.73
CA LEU A 67 -16.89 1.80 -42.30
C LEU A 67 -17.03 2.82 -43.42
N GLU A 68 -16.30 3.94 -43.31
CA GLU A 68 -16.26 4.93 -44.38
C GLU A 68 -15.63 4.42 -45.67
N ALA A 69 -14.49 3.73 -45.55
CA ALA A 69 -13.82 3.12 -46.69
C ALA A 69 -14.71 2.06 -47.35
N LEU A 70 -15.39 1.27 -46.51
CA LEU A 70 -16.34 0.27 -46.97
C LEU A 70 -17.58 0.91 -47.59
N GLY A 71 -18.23 1.77 -46.81
CA GLY A 71 -19.50 2.38 -47.22
C GLY A 71 -20.67 1.72 -46.53
N THR A 72 -20.99 2.18 -45.32
CA THR A 72 -22.10 1.64 -44.52
C THR A 72 -23.08 2.73 -44.11
N ALA B 2 10.17 -5.86 53.28
CA ALA B 2 9.99 -6.16 51.83
C ALA B 2 9.73 -4.91 50.97
N ASN B 3 9.48 -3.77 51.62
CA ASN B 3 9.33 -2.49 50.90
C ASN B 3 10.41 -2.31 49.82
N LEU B 4 11.69 -2.37 50.23
CA LEU B 4 12.77 -2.40 49.24
C LEU B 4 12.71 -3.63 48.35
N ASN B 5 12.42 -4.79 48.93
CA ASN B 5 12.21 -6.00 48.12
C ASN B 5 11.14 -5.79 47.05
N GLN B 6 9.98 -5.27 47.48
CA GLN B 6 8.86 -5.05 46.59
C GLN B 6 9.29 -4.14 45.47
N ILE B 7 9.88 -3.00 45.86
CA ILE B 7 10.41 -2.04 44.90
C ILE B 7 11.43 -2.70 43.97
N GLN B 8 12.28 -3.55 44.53
CA GLN B 8 13.29 -4.26 43.75
C GLN B 8 12.66 -5.17 42.70
N LYS B 9 11.86 -6.13 43.15
CA LYS B 9 11.20 -7.08 42.25
C LYS B 9 10.43 -6.39 41.12
N GLU B 10 9.79 -5.28 41.44
CA GLU B 10 8.97 -4.54 40.48
C GLU B 10 9.78 -3.78 39.44
N VAL B 11 10.86 -3.12 39.90
CA VAL B 11 11.80 -2.41 39.03
C VAL B 11 12.51 -3.38 38.08
N SER B 12 12.85 -4.55 38.60
CA SER B 12 13.43 -5.60 37.77
C SER B 12 12.47 -6.00 36.65
N GLU B 13 11.20 -6.17 37.00
CA GLU B 13 10.19 -6.55 35.99
C GLU B 13 10.01 -5.45 34.96
N ILE B 14 9.96 -4.19 35.40
CA ILE B 14 9.87 -3.08 34.47
C ILE B 14 10.98 -3.21 33.45
N LEU B 15 12.19 -3.52 33.95
CA LEU B 15 13.41 -3.63 33.15
C LEU B 15 13.39 -4.78 32.13
N SER B 16 12.87 -5.95 32.52
CA SER B 16 12.59 -7.04 31.58
C SER B 16 11.67 -6.58 30.47
N ASP B 17 10.44 -6.24 30.85
CA ASP B 17 9.45 -5.76 29.90
C ASP B 17 10.04 -4.71 28.99
N GLN B 18 10.77 -3.76 29.58
CA GLN B 18 11.48 -2.71 28.85
C GLN B 18 12.27 -3.29 27.66
N LYS B 19 13.08 -4.32 27.93
CA LYS B 19 13.94 -4.90 26.90
C LYS B 19 13.14 -5.42 25.71
N SER B 20 12.12 -6.24 25.99
CA SER B 20 11.31 -6.84 24.93
C SER B 20 10.37 -5.85 24.22
N MET B 21 10.06 -4.73 24.87
CA MET B 21 9.29 -3.68 24.22
C MET B 21 10.19 -3.03 23.20
N LYS B 22 11.43 -2.80 23.64
CA LYS B 22 12.46 -2.18 22.82
C LYS B 22 12.71 -3.01 21.55
N ALA B 23 12.75 -4.34 21.73
CA ALA B 23 12.90 -5.28 20.61
C ALA B 23 11.78 -5.12 19.59
N ASP B 24 10.55 -5.10 20.08
CA ASP B 24 9.38 -5.06 19.23
C ASP B 24 9.19 -3.71 18.55
N ILE B 25 9.51 -2.61 19.25
CA ILE B 25 9.49 -1.30 18.59
C ILE B 25 10.47 -1.26 17.42
N LYS B 26 11.62 -1.92 17.60
CA LYS B 26 12.62 -2.00 16.56
C LYS B 26 12.11 -2.81 15.36
N ALA B 27 11.47 -3.95 15.64
CA ALA B 27 10.90 -4.79 14.59
C ALA B 27 9.83 -4.06 13.79
N ILE B 28 9.19 -3.07 14.41
CA ILE B 28 8.15 -2.27 13.74
C ILE B 28 8.82 -1.28 12.80
N LEU B 29 9.77 -0.54 13.34
CA LEU B 29 10.62 0.37 12.57
C LEU B 29 11.31 -0.35 11.42
N GLU B 30 11.90 -1.51 11.69
CA GLU B 30 12.51 -2.36 10.66
C GLU B 30 11.55 -2.67 9.49
N LEU B 31 10.31 -2.99 9.83
CA LEU B 31 9.29 -3.35 8.88
C LEU B 31 8.94 -2.17 7.99
N LEU B 32 8.55 -1.05 8.60
CA LEU B 32 8.19 0.15 7.86
C LEU B 32 9.36 0.66 7.05
N GLY B 33 10.55 0.60 7.66
CA GLY B 33 11.78 1.10 7.04
C GLY B 33 12.10 0.42 5.73
N SER B 34 11.90 -0.89 5.68
CA SER B 34 12.21 -1.69 4.50
C SER B 34 11.19 -1.58 3.35
N GLN B 35 10.10 -0.84 3.59
CA GLN B 35 9.10 -0.57 2.55
C GLN B 35 9.66 0.42 1.53
N ASN B 36 9.39 0.15 0.25
CA ASN B 36 9.62 1.13 -0.81
C ASN B 36 8.61 2.26 -0.68
N PRO B 37 8.99 3.48 -1.09
CA PRO B 37 7.99 4.55 -1.07
C PRO B 37 6.85 4.23 -2.03
N ILE B 38 5.64 4.11 -1.49
CA ILE B 38 4.47 3.66 -2.26
C ILE B 38 4.33 4.39 -3.60
N LYS B 39 4.61 5.69 -3.61
CA LYS B 39 4.62 6.51 -4.83
C LYS B 39 5.52 5.90 -5.91
N GLU B 40 6.77 5.60 -5.53
CA GLU B 40 7.77 5.05 -6.44
C GLU B 40 7.32 3.71 -7.02
N SER B 41 6.94 2.78 -6.16
CA SER B 41 6.52 1.45 -6.58
C SER B 41 5.18 1.47 -7.31
N LEU B 42 4.41 2.54 -7.12
CA LEU B 42 3.21 2.77 -7.93
C LEU B 42 3.57 3.10 -9.37
N GLU B 43 4.63 3.89 -9.55
CA GLU B 43 5.09 4.28 -10.88
C GLU B 43 5.51 3.05 -11.68
N THR B 44 6.35 2.21 -11.07
CA THR B 44 6.86 1.00 -11.68
C THR B 44 5.71 0.16 -12.23
N VAL B 45 4.75 -0.15 -11.36
CA VAL B 45 3.60 -0.98 -11.74
C VAL B 45 2.69 -0.31 -12.79
N ALA B 46 2.59 1.02 -12.73
CA ALA B 46 1.81 1.78 -13.70
C ALA B 46 2.37 1.57 -15.10
N ALA B 47 3.70 1.68 -15.20
CA ALA B 47 4.45 1.51 -16.44
C ALA B 47 4.28 0.12 -17.06
N LYS B 48 4.47 -0.93 -16.27
CA LYS B 48 4.29 -2.30 -16.74
C LYS B 48 2.87 -2.59 -17.25
N ILE B 49 1.86 -2.14 -16.53
CA ILE B 49 0.47 -2.32 -16.99
C ILE B 49 0.28 -1.70 -18.40
N VAL B 50 0.54 -0.40 -18.52
CA VAL B 50 0.41 0.30 -19.81
C VAL B 50 1.36 -0.26 -20.88
N ASN B 51 2.56 -0.67 -20.47
CA ASN B 51 3.51 -1.29 -21.36
C ASN B 51 2.97 -2.59 -21.96
N ASP B 52 2.75 -3.57 -21.09
CA ASP B 52 2.22 -4.88 -21.47
C ASP B 52 0.99 -4.73 -22.36
N LEU B 53 0.08 -3.84 -21.96
CA LEU B 53 -1.14 -3.60 -22.73
C LEU B 53 -0.86 -3.01 -24.11
N THR B 54 -0.03 -1.96 -24.16
CA THR B 54 0.41 -1.36 -25.43
C THR B 54 0.96 -2.43 -26.40
N LYS B 55 1.74 -3.35 -25.87
CA LYS B 55 2.25 -4.46 -26.66
C LYS B 55 1.12 -5.21 -27.34
N LEU B 56 0.14 -5.65 -26.57
CA LEU B 56 -0.98 -6.41 -27.12
C LEU B 56 -1.79 -5.62 -28.16
N ILE B 57 -2.27 -4.42 -27.79
CA ILE B 57 -3.05 -3.62 -28.74
C ILE B 57 -2.28 -3.28 -30.01
N ASN B 58 -0.99 -2.94 -29.87
CA ASN B 58 -0.13 -2.68 -31.03
C ASN B 58 0.12 -3.91 -31.91
N ASP B 59 0.07 -5.09 -31.30
CA ASP B 59 0.19 -6.37 -32.01
C ASP B 59 -1.03 -6.62 -32.91
N CYS B 60 -2.12 -5.93 -32.60
CA CYS B 60 -3.33 -5.94 -33.43
C CYS B 60 -3.90 -7.33 -33.67
N PRO B 61 -4.42 -7.96 -32.61
CA PRO B 61 -4.86 -9.36 -32.71
C PRO B 61 -6.07 -9.53 -33.61
N CYS B 62 -6.96 -8.53 -33.62
CA CYS B 62 -8.25 -8.64 -34.32
C CYS B 62 -8.20 -8.48 -35.84
N ASN B 63 -7.12 -7.86 -36.34
CA ASN B 63 -6.99 -7.55 -37.75
C ASN B 63 -7.07 -8.75 -38.70
N LYS B 64 -6.49 -9.87 -38.28
CA LYS B 64 -6.46 -11.08 -39.10
C LYS B 64 -7.86 -11.57 -39.46
N GLU B 65 -8.78 -11.48 -38.50
CA GLU B 65 -10.19 -11.87 -38.69
C GLU B 65 -10.87 -10.96 -39.71
N ILE B 66 -10.67 -9.66 -39.58
CA ILE B 66 -11.24 -8.68 -40.50
C ILE B 66 -10.68 -8.85 -41.90
N LEU B 67 -9.37 -9.04 -42.00
CA LEU B 67 -8.72 -9.21 -43.29
C LEU B 67 -9.25 -10.43 -44.03
N GLU B 68 -9.36 -11.55 -43.30
CA GLU B 68 -9.82 -12.81 -43.90
C GLU B 68 -11.28 -12.73 -44.32
N ALA B 69 -12.07 -11.97 -43.56
CA ALA B 69 -13.45 -11.70 -43.92
C ALA B 69 -13.53 -10.83 -45.16
N LEU B 70 -12.57 -9.90 -45.30
CA LEU B 70 -12.52 -8.99 -46.44
C LEU B 70 -12.12 -9.73 -47.73
N GLY B 71 -11.35 -10.81 -47.56
CA GLY B 71 -10.94 -11.65 -48.66
C GLY B 71 -9.43 -11.64 -48.93
N THR B 72 -8.67 -11.06 -48.00
CA THR B 72 -7.22 -10.90 -48.17
C THR B 72 -6.42 -11.72 -47.17
N GLN B 73 -5.32 -12.27 -47.69
CA GLN B 73 -4.29 -12.91 -46.89
C GLN B 73 -3.51 -11.80 -46.13
N PRO B 74 -3.36 -11.96 -44.80
CA PRO B 74 -2.37 -11.14 -44.07
C PRO B 74 -0.93 -11.59 -44.39
N LYS B 75 -0.01 -10.62 -44.38
CA LYS B 75 1.38 -10.81 -44.81
C LYS B 75 2.19 -11.66 -43.85
N ALA C 2 22.28 -2.81 50.53
CA ALA C 2 22.40 -3.14 49.06
C ALA C 2 21.33 -2.46 48.22
N ASN C 3 20.12 -2.45 48.77
CA ASN C 3 18.94 -2.41 47.97
C ASN C 3 18.68 -1.09 47.26
N LEU C 4 18.75 0.03 47.96
CA LEU C 4 18.39 1.31 47.34
C LEU C 4 19.36 1.74 46.24
N ASN C 5 20.66 1.47 46.47
CA ASN C 5 21.70 1.74 45.49
C ASN C 5 21.47 0.93 44.22
N GLN C 6 21.22 -0.37 44.41
CA GLN C 6 20.78 -1.23 43.33
C GLN C 6 19.55 -0.66 42.61
N ILE C 7 18.52 -0.33 43.39
CA ILE C 7 17.28 0.21 42.85
C ILE C 7 17.56 1.44 41.99
N GLN C 8 18.36 2.37 42.52
CA GLN C 8 18.63 3.63 41.84
C GLN C 8 19.32 3.40 40.50
N LYS C 9 20.27 2.47 40.47
CA LYS C 9 20.97 2.14 39.24
C LYS C 9 19.97 1.67 38.17
N GLU C 10 19.12 0.71 38.55
CA GLU C 10 18.08 0.18 37.66
C GLU C 10 17.10 1.26 37.18
N VAL C 11 16.65 2.11 38.10
CA VAL C 11 15.76 3.22 37.76
C VAL C 11 16.36 4.07 36.63
N SER C 12 17.67 4.33 36.74
CA SER C 12 18.38 5.14 35.76
C SER C 12 18.47 4.46 34.41
N GLU C 13 18.62 3.14 34.41
CA GLU C 13 18.62 2.42 33.15
C GLU C 13 17.24 2.42 32.52
N ILE C 14 16.19 2.33 33.36
CA ILE C 14 14.80 2.48 32.91
C ILE C 14 14.58 3.86 32.29
N LEU C 15 15.04 4.92 32.96
CA LEU C 15 14.86 6.28 32.44
C LEU C 15 15.43 6.46 31.03
N SER C 16 16.64 5.97 30.79
CA SER C 16 17.28 6.21 29.50
C SER C 16 16.71 5.31 28.41
N ASP C 17 16.48 4.05 28.76
CA ASP C 17 15.86 3.11 27.81
C ASP C 17 14.57 3.74 27.32
N GLN C 18 13.74 4.15 28.29
CA GLN C 18 12.51 4.90 28.07
C GLN C 18 12.70 6.04 27.07
N LYS C 19 13.73 6.87 27.28
CA LYS C 19 13.99 8.03 26.41
C LYS C 19 14.12 7.66 24.93
N SER C 20 14.84 6.58 24.63
CA SER C 20 15.04 6.19 23.24
C SER C 20 13.77 5.60 22.63
N MET C 21 13.06 4.81 23.43
CA MET C 21 11.79 4.20 22.99
C MET C 21 10.78 5.28 22.64
N LYS C 22 10.68 6.28 23.51
CA LYS C 22 9.91 7.48 23.24
C LYS C 22 10.26 8.03 21.86
N ALA C 23 11.56 8.28 21.63
CA ALA C 23 12.04 8.82 20.36
C ALA C 23 11.67 7.94 19.17
N ASP C 24 11.77 6.63 19.35
CA ASP C 24 11.47 5.66 18.29
C ASP C 24 9.99 5.58 17.98
N ILE C 25 9.17 5.61 19.03
CA ILE C 25 7.73 5.66 18.85
C ILE C 25 7.36 6.92 18.08
N LYS C 26 7.87 8.06 18.55
CA LYS C 26 7.63 9.34 17.89
C LYS C 26 7.88 9.27 16.36
N ALA C 27 8.92 8.54 15.97
CA ALA C 27 9.32 8.39 14.56
C ALA C 27 8.36 7.53 13.77
N ILE C 28 7.88 6.45 14.39
CA ILE C 28 6.91 5.57 13.75
C ILE C 28 5.63 6.37 13.46
N LEU C 29 5.21 7.17 14.43
CA LEU C 29 4.04 8.04 14.27
C LEU C 29 4.27 9.05 13.16
N GLU C 30 5.43 9.71 13.20
CA GLU C 30 5.84 10.65 12.18
C GLU C 30 5.83 10.00 10.78
N LEU C 31 6.27 8.75 10.69
CA LEU C 31 6.45 8.08 9.41
C LEU C 31 5.12 7.66 8.80
N LEU C 32 4.25 7.10 9.62
CA LEU C 32 2.92 6.71 9.17
C LEU C 32 2.10 7.95 8.83
N GLY C 33 2.10 8.92 9.74
CA GLY C 33 1.33 10.15 9.59
C GLY C 33 1.65 10.99 8.36
N SER C 34 2.91 10.95 7.93
CA SER C 34 3.39 11.76 6.80
C SER C 34 3.19 11.06 5.44
N GLN C 35 2.66 9.85 5.48
CA GLN C 35 2.40 9.08 4.27
C GLN C 35 0.97 9.32 3.77
N ASN C 36 0.86 9.86 2.56
CA ASN C 36 -0.44 10.10 1.92
C ASN C 36 -1.23 8.81 1.73
N PRO C 37 -2.57 8.87 1.87
CA PRO C 37 -3.42 7.69 1.86
C PRO C 37 -3.31 6.88 0.58
N ILE C 38 -3.14 5.56 0.74
CA ILE C 38 -2.97 4.63 -0.37
C ILE C 38 -4.08 4.78 -1.42
N LYS C 39 -5.33 4.89 -0.96
CA LYS C 39 -6.47 5.14 -1.84
C LYS C 39 -6.29 6.38 -2.72
N GLU C 40 -5.78 7.46 -2.13
CA GLU C 40 -5.51 8.70 -2.83
C GLU C 40 -4.38 8.54 -3.84
N SER C 41 -3.32 7.86 -3.43
CA SER C 41 -2.18 7.60 -4.30
C SER C 41 -2.61 6.72 -5.48
N LEU C 42 -3.25 5.60 -5.16
CA LEU C 42 -3.74 4.65 -6.17
C LEU C 42 -4.59 5.33 -7.24
N GLU C 43 -5.37 6.32 -6.82
CA GLU C 43 -6.29 6.97 -7.74
C GLU C 43 -5.59 7.84 -8.79
N THR C 44 -4.59 8.60 -8.36
CA THR C 44 -3.85 9.47 -9.28
C THR C 44 -3.10 8.65 -10.33
N VAL C 45 -2.55 7.53 -9.89
CA VAL C 45 -1.81 6.63 -10.79
C VAL C 45 -2.76 5.90 -11.74
N ALA C 46 -3.95 5.55 -11.25
CA ALA C 46 -4.99 4.99 -12.10
C ALA C 46 -5.38 6.02 -13.17
N ALA C 47 -5.53 7.27 -12.74
CA ALA C 47 -5.84 8.40 -13.64
C ALA C 47 -4.84 8.47 -14.79
N LYS C 48 -3.55 8.28 -14.48
CA LYS C 48 -2.53 8.21 -15.53
C LYS C 48 -2.71 6.98 -16.43
N ILE C 49 -2.93 5.81 -15.82
CA ILE C 49 -3.00 4.55 -16.57
C ILE C 49 -4.11 4.58 -17.64
N VAL C 50 -5.32 4.95 -17.23
CA VAL C 50 -6.45 4.99 -18.17
C VAL C 50 -6.22 6.06 -19.22
N ASN C 51 -5.77 7.23 -18.76
CA ASN C 51 -5.54 8.38 -19.61
C ASN C 51 -4.59 8.08 -20.77
N ASP C 52 -3.52 7.37 -20.45
CA ASP C 52 -2.46 7.10 -21.42
C ASP C 52 -2.86 5.98 -22.37
N LEU C 53 -3.56 4.97 -21.84
CA LEU C 53 -4.10 3.92 -22.68
C LEU C 53 -5.28 4.43 -23.49
N THR C 54 -5.85 5.56 -23.08
CA THR C 54 -6.91 6.19 -23.86
C THR C 54 -6.31 6.85 -25.10
N LYS C 55 -5.21 7.61 -24.92
CA LYS C 55 -4.49 8.22 -26.03
C LYS C 55 -4.17 7.19 -27.11
N LEU C 56 -3.66 6.03 -26.67
CA LEU C 56 -3.30 4.92 -27.55
C LEU C 56 -4.48 4.36 -28.35
N ILE C 57 -5.55 3.97 -27.65
CA ILE C 57 -6.72 3.41 -28.31
C ILE C 57 -7.38 4.46 -29.23
N ASN C 58 -7.42 5.71 -28.79
CA ASN C 58 -7.93 6.79 -29.63
C ASN C 58 -7.03 7.14 -30.82
N ASP C 59 -5.88 6.49 -30.89
CA ASP C 59 -4.97 6.65 -32.04
C ASP C 59 -5.19 5.61 -33.13
N CYS C 60 -6.02 4.62 -32.83
CA CYS C 60 -6.39 3.57 -33.79
C CYS C 60 -5.19 3.00 -34.52
N PRO C 61 -4.29 2.31 -33.79
CA PRO C 61 -3.06 1.78 -34.36
C PRO C 61 -3.30 0.81 -35.52
N CYS C 62 -4.28 -0.09 -35.35
CA CYS C 62 -4.52 -1.18 -36.29
C CYS C 62 -5.35 -0.82 -37.51
N ASN C 63 -6.04 0.32 -37.44
CA ASN C 63 -6.78 0.82 -38.60
C ASN C 63 -5.88 0.93 -39.81
N LYS C 64 -4.68 1.45 -39.58
CA LYS C 64 -3.72 1.77 -40.63
C LYS C 64 -3.43 0.57 -41.54
N GLU C 65 -3.29 -0.60 -40.95
CA GLU C 65 -3.12 -1.84 -41.71
C GLU C 65 -4.30 -2.12 -42.61
N ILE C 66 -5.50 -1.97 -42.07
CA ILE C 66 -6.73 -2.34 -42.77
C ILE C 66 -7.08 -1.35 -43.89
N LEU C 67 -6.85 -0.06 -43.64
CA LEU C 67 -7.16 0.98 -44.63
C LEU C 67 -6.28 0.79 -45.84
N GLU C 68 -5.05 0.34 -45.60
CA GLU C 68 -4.11 -0.02 -46.65
C GLU C 68 -4.66 -1.13 -47.54
N ALA C 69 -5.28 -2.15 -46.95
CA ALA C 69 -5.86 -3.24 -47.72
C ALA C 69 -7.07 -2.76 -48.51
N LEU C 70 -7.69 -1.68 -48.04
CA LEU C 70 -8.78 -1.02 -48.74
C LEU C 70 -8.32 0.19 -49.56
N GLY C 71 -7.05 0.18 -49.94
CA GLY C 71 -6.47 1.18 -50.85
C GLY C 71 -6.75 2.62 -50.48
N THR C 72 -6.73 2.89 -49.18
CA THR C 72 -6.93 4.25 -48.67
C THR C 72 -6.07 4.50 -47.43
N GLN C 73 -5.92 5.77 -47.06
CA GLN C 73 -5.04 6.12 -45.95
C GLN C 73 -5.75 6.85 -44.82
N PRO C 74 -5.21 6.72 -43.57
CA PRO C 74 -5.70 7.52 -42.45
C PRO C 74 -5.06 8.91 -42.38
N ASN D 3 7.29 9.17 51.24
CA ASN D 3 8.51 9.47 50.43
C ASN D 3 9.24 8.27 49.88
N LEU D 4 9.36 7.19 50.66
CA LEU D 4 9.65 5.88 50.09
C LEU D 4 8.35 5.31 49.54
N ASN D 5 7.24 5.63 50.22
CA ASN D 5 5.93 5.21 49.75
C ASN D 5 5.57 5.79 48.40
N GLN D 6 5.90 7.06 48.18
CA GLN D 6 5.61 7.65 46.89
C GLN D 6 6.40 6.97 45.78
N ILE D 7 7.66 6.62 46.08
CA ILE D 7 8.48 5.89 45.13
C ILE D 7 7.85 4.53 44.83
N GLN D 8 7.50 3.80 45.89
CA GLN D 8 6.83 2.50 45.79
C GLN D 8 5.57 2.59 44.92
N LYS D 9 4.68 3.50 45.30
CA LYS D 9 3.44 3.77 44.57
C LYS D 9 3.73 3.97 43.09
N GLU D 10 4.55 4.96 42.79
CA GLU D 10 4.84 5.32 41.40
C GLU D 10 5.48 4.21 40.59
N VAL D 11 6.30 3.37 41.23
CA VAL D 11 6.89 2.23 40.54
C VAL D 11 5.79 1.36 39.95
N SER D 12 4.73 1.14 40.73
CA SER D 12 3.62 0.28 40.31
C SER D 12 2.78 0.83 39.15
N GLU D 13 2.55 2.14 39.15
CA GLU D 13 1.91 2.79 38.02
C GLU D 13 2.78 2.61 36.78
N ILE D 14 4.10 2.71 36.97
CA ILE D 14 5.07 2.46 35.90
C ILE D 14 4.96 1.02 35.42
N LEU D 15 4.97 0.06 36.34
CA LEU D 15 4.84 -1.34 35.97
C LEU D 15 3.54 -1.66 35.22
N SER D 16 2.42 -1.09 35.66
CA SER D 16 1.13 -1.44 35.04
C SER D 16 0.97 -0.85 33.64
N ASP D 17 1.36 0.41 33.46
CA ASP D 17 1.33 1.04 32.14
C ASP D 17 2.17 0.24 31.16
N GLN D 18 3.38 -0.10 31.62
CA GLN D 18 4.29 -0.97 30.89
C GLN D 18 3.52 -2.16 30.32
N LYS D 19 2.82 -2.88 31.19
CA LYS D 19 2.04 -4.05 30.80
C LYS D 19 1.10 -3.77 29.62
N SER D 20 0.39 -2.63 29.67
CA SER D 20 -0.60 -2.32 28.65
C SER D 20 0.03 -1.76 27.36
N MET D 21 1.21 -1.16 27.47
CA MET D 21 1.93 -0.68 26.28
C MET D 21 2.48 -1.87 25.53
N LYS D 22 3.03 -2.81 26.29
CA LYS D 22 3.53 -4.07 25.77
C LYS D 22 2.50 -4.74 24.86
N ALA D 23 1.25 -4.73 25.30
CA ALA D 23 0.14 -5.33 24.55
C ALA D 23 -0.18 -4.59 23.27
N ASP D 24 -0.17 -3.26 23.34
CA ASP D 24 -0.50 -2.39 22.21
C ASP D 24 0.55 -2.42 21.13
N ILE D 25 1.82 -2.50 21.52
CA ILE D 25 2.92 -2.59 20.56
C ILE D 25 2.81 -3.93 19.85
N LYS D 26 2.64 -4.98 20.64
CA LYS D 26 2.40 -6.32 20.13
C LYS D 26 1.25 -6.33 19.09
N ALA D 27 0.18 -5.59 19.36
CA ALA D 27 -0.91 -5.39 18.42
C ALA D 27 -0.42 -4.75 17.12
N ILE D 28 0.29 -3.62 17.27
CA ILE D 28 0.80 -2.85 16.12
C ILE D 28 1.72 -3.71 15.28
N LEU D 29 2.47 -4.57 15.95
CA LEU D 29 3.32 -5.49 15.22
C LEU D 29 2.46 -6.48 14.47
N GLU D 30 1.47 -7.03 15.18
CA GLU D 30 0.57 -8.04 14.62
C GLU D 30 -0.18 -7.48 13.42
N LEU D 31 -0.67 -6.24 13.57
CA LEU D 31 -1.38 -5.50 12.51
C LEU D 31 -0.53 -5.25 11.28
N LEU D 32 0.71 -4.85 11.52
CA LEU D 32 1.68 -4.61 10.45
C LEU D 32 2.18 -5.92 9.86
N GLY D 33 2.23 -6.95 10.71
CA GLY D 33 2.63 -8.28 10.27
C GLY D 33 1.55 -8.96 9.46
N SER D 34 0.30 -8.68 9.81
CA SER D 34 -0.85 -9.36 9.20
C SER D 34 -1.11 -8.95 7.74
N GLN D 35 -0.14 -8.30 7.11
CA GLN D 35 -0.33 -7.85 5.73
C GLN D 35 0.91 -8.02 4.85
N ASN D 36 0.65 -8.54 3.65
CA ASN D 36 1.69 -8.70 2.64
C ASN D 36 2.30 -7.36 2.28
N PRO D 37 3.60 -7.36 1.92
CA PRO D 37 4.25 -6.21 1.30
C PRO D 37 3.40 -5.55 0.21
N ILE D 38 3.49 -4.24 0.11
CA ILE D 38 2.74 -3.50 -0.92
C ILE D 38 3.23 -3.89 -2.32
N LYS D 39 4.47 -4.37 -2.41
CA LYS D 39 5.01 -4.83 -3.70
C LYS D 39 4.21 -6.00 -4.24
N GLU D 40 4.12 -7.07 -3.46
CA GLU D 40 3.41 -8.29 -3.83
C GLU D 40 1.99 -8.00 -4.25
N SER D 41 1.29 -7.27 -3.39
CA SER D 41 -0.10 -6.87 -3.62
C SER D 41 -0.27 -6.20 -4.98
N LEU D 42 0.46 -5.10 -5.19
CA LEU D 42 0.47 -4.40 -6.49
C LEU D 42 0.63 -5.38 -7.66
N GLU D 43 1.60 -6.29 -7.54
CA GLU D 43 1.95 -7.22 -8.61
C GLU D 43 0.83 -8.15 -9.03
N THR D 44 0.16 -8.77 -8.06
CA THR D 44 -0.95 -9.67 -8.37
C THR D 44 -2.15 -8.92 -8.95
N VAL D 45 -2.42 -7.73 -8.42
CA VAL D 45 -3.50 -6.88 -8.93
C VAL D 45 -3.23 -6.48 -10.37
N ALA D 46 -2.06 -5.89 -10.62
CA ALA D 46 -1.66 -5.51 -11.96
C ALA D 46 -1.79 -6.69 -12.94
N ALA D 47 -1.45 -7.88 -12.46
CA ALA D 47 -1.54 -9.10 -13.25
C ALA D 47 -2.97 -9.38 -13.67
N LYS D 48 -3.89 -9.23 -12.73
CA LYS D 48 -5.31 -9.43 -13.00
C LYS D 48 -5.82 -8.32 -13.93
N ILE D 49 -5.34 -7.10 -13.72
CA ILE D 49 -5.73 -5.95 -14.55
C ILE D 49 -5.51 -6.28 -16.02
N VAL D 50 -4.27 -6.62 -16.36
CA VAL D 50 -3.91 -6.84 -17.75
C VAL D 50 -4.60 -8.07 -18.33
N ASN D 51 -4.62 -9.14 -17.54
CA ASN D 51 -5.18 -10.41 -17.98
C ASN D 51 -6.65 -10.33 -18.37
N ASP D 52 -7.40 -9.50 -17.64
CA ASP D 52 -8.80 -9.30 -17.94
C ASP D 52 -8.99 -8.38 -19.15
N LEU D 53 -8.15 -7.35 -19.25
CA LEU D 53 -8.15 -6.48 -20.42
C LEU D 53 -7.59 -7.18 -21.65
N THR D 54 -6.73 -8.18 -21.42
CA THR D 54 -6.21 -8.98 -22.51
C THR D 54 -7.30 -9.90 -23.00
N LYS D 55 -8.03 -10.49 -22.06
CA LYS D 55 -9.18 -11.33 -22.39
C LYS D 55 -10.21 -10.52 -23.18
N LEU D 56 -10.41 -9.27 -22.76
CA LEU D 56 -11.33 -8.36 -23.45
C LEU D 56 -10.94 -8.14 -24.90
N ILE D 57 -9.69 -7.73 -25.10
CA ILE D 57 -9.20 -7.30 -26.41
C ILE D 57 -9.13 -8.50 -27.38
N ASN D 58 -8.54 -9.60 -26.91
CA ASN D 58 -8.47 -10.83 -27.70
C ASN D 58 -9.84 -11.39 -28.02
N ASP D 59 -10.86 -10.84 -27.39
CA ASP D 59 -12.23 -11.21 -27.66
C ASP D 59 -12.80 -10.43 -28.86
N CYS D 60 -12.08 -9.38 -29.27
CA CYS D 60 -12.36 -8.61 -30.50
C CYS D 60 -13.77 -8.05 -30.62
N PRO D 61 -14.16 -7.19 -29.66
CA PRO D 61 -15.52 -6.65 -29.55
C PRO D 61 -16.00 -5.90 -30.79
N CYS D 62 -15.09 -5.26 -31.52
CA CYS D 62 -15.46 -4.40 -32.65
C CYS D 62 -15.60 -5.14 -33.98
N ASN D 63 -15.16 -6.39 -34.01
CA ASN D 63 -15.15 -7.14 -35.26
C ASN D 63 -16.55 -7.51 -35.74
N LYS D 64 -17.44 -7.86 -34.81
CA LYS D 64 -18.82 -8.19 -35.15
C LYS D 64 -19.52 -7.09 -35.94
N GLU D 65 -19.23 -5.83 -35.63
CA GLU D 65 -19.78 -4.70 -36.37
C GLU D 65 -19.31 -4.69 -37.82
N ILE D 66 -17.99 -4.76 -38.02
CA ILE D 66 -17.40 -4.75 -39.35
C ILE D 66 -17.74 -6.02 -40.14
N LEU D 67 -17.88 -7.15 -39.44
CA LEU D 67 -18.22 -8.43 -40.07
C LEU D 67 -19.56 -8.40 -40.80
N GLU D 68 -20.53 -7.69 -40.23
CA GLU D 68 -21.82 -7.47 -40.88
C GLU D 68 -21.69 -6.46 -42.02
N ALA D 69 -20.83 -5.46 -41.86
CA ALA D 69 -20.49 -4.51 -42.92
C ALA D 69 -19.76 -5.18 -44.10
N LEU D 70 -19.04 -6.28 -43.82
CA LEU D 70 -18.37 -7.05 -44.87
C LEU D 70 -19.26 -8.15 -45.40
N GLY D 71 -19.96 -8.84 -44.49
CA GLY D 71 -20.96 -9.82 -44.85
C GLY D 71 -22.23 -9.14 -45.32
N THR D 72 -22.06 -8.06 -46.10
CA THR D 72 -23.19 -7.31 -46.69
C THR D 72 -22.93 -6.87 -48.14
N GLN D 73 -24.00 -6.43 -48.80
CA GLN D 73 -23.97 -6.01 -50.21
C GLN D 73 -24.56 -4.60 -50.39
N PRO D 74 -24.23 -3.93 -51.51
CA PRO D 74 -24.86 -2.64 -51.85
C PRO D 74 -26.36 -2.77 -52.13
#